data_2WZX
#
_entry.id   2WZX
#
_cell.length_a   44.759
_cell.length_b   72.135
_cell.length_c   105.933
_cell.angle_alpha   90.00
_cell.angle_beta   90.00
_cell.angle_gamma   90.00
#
_symmetry.space_group_name_H-M   'P 21 21 21'
#
loop_
_entity.id
_entity.type
_entity.pdbx_description
1 polymer BETA-LACTAMASE
2 non-polymer (3R)-1-[(4S)-azepan-4-ylcarbamoyl]-3-(sulfoamino)-L-proline
3 non-polymer 'CHLORIDE ION'
4 water water
#
_entity_poly.entity_id   1
_entity_poly.type   'polypeptide(L)'
_entity_poly.pdbx_seq_one_letter_code
;GEAPADRLKALVDAAVQPVMKANDIPGLAVAISLKGEPHYFSYGLASKEDGRRVTPETLFEIGSVSKTFTATLAGYALTQ
DKMRLDDRASQHWPALQGSRFDGISLLDLATYTAGGLPLQFPDSVQKDQAQIRDYYRQWQPTYAPGSQRLYSNPSIGLFG
YLAARSLGQPFERLMEQQVFPALGLEQTHLDVPEAALAQYAQGYGKDDRPLRVGPGPLDAEGYGVKTSAADLLRFVDANL
HPERLDRPWAQALDATHRGYYKVGDMTQGLGWEAYDWPISLKRLQAGNSTPMALQPHRIARLPAPQALEGQRLLNKTGST
NGFGAYVAFVPGRDLGLVILANRNYPNAERVKIAYAILSGLEQQGKVPLKR
;
_entity_poly.pdbx_strand_id   A
#
loop_
_chem_comp.id
_chem_comp.type
_chem_comp.name
_chem_comp.formula
CL non-polymer 'CHLORIDE ION' 'Cl -1'
ZX0 non-polymer (3R)-1-[(4S)-azepan-4-ylcarbamoyl]-3-(sulfoamino)-L-proline 'C12 H22 N4 O6 S'
#
# COMPACT_ATOMS: atom_id res chain seq x y z
N GLU A 2 -26.65 24.03 -5.12
CA GLU A 2 -26.48 22.56 -4.86
C GLU A 2 -25.74 21.88 -5.99
N ALA A 3 -25.44 22.63 -7.03
CA ALA A 3 -24.81 22.10 -8.23
C ALA A 3 -23.50 21.33 -7.97
N PRO A 4 -22.55 21.93 -7.21
CA PRO A 4 -21.26 21.26 -6.98
C PRO A 4 -21.39 19.90 -6.28
N ALA A 5 -22.18 19.84 -5.21
CA ALA A 5 -22.42 18.57 -4.52
C ALA A 5 -23.14 17.57 -5.42
N ASP A 6 -24.12 18.06 -6.18
CA ASP A 6 -24.86 17.25 -7.14
C ASP A 6 -23.91 16.70 -8.21
N ARG A 7 -23.04 17.57 -8.73
CA ARG A 7 -22.11 17.17 -9.80
C ARG A 7 -21.12 16.12 -9.31
N LEU A 8 -20.58 16.31 -8.09
CA LEU A 8 -19.63 15.35 -7.54
C LEU A 8 -20.29 13.99 -7.33
N LYS A 9 -21.48 13.97 -6.73
CA LYS A 9 -22.22 12.72 -6.58
C LYS A 9 -22.48 12.04 -7.93
N ALA A 10 -22.90 12.83 -8.92
CA ALA A 10 -23.18 12.29 -10.24
C ALA A 10 -21.94 11.67 -10.88
N LEU A 11 -20.80 12.35 -10.72
CA LEU A 11 -19.53 11.88 -11.27
C LEU A 11 -19.07 10.59 -10.60
N VAL A 12 -19.09 10.55 -9.27
CA VAL A 12 -18.62 9.39 -8.55
C VAL A 12 -19.55 8.19 -8.80
N ASP A 13 -20.87 8.42 -8.72
CA ASP A 13 -21.84 7.35 -9.06
C ASP A 13 -21.60 6.78 -10.46
N ALA A 14 -21.39 7.66 -11.44
CA ALA A 14 -21.20 7.25 -12.84
C ALA A 14 -19.93 6.41 -13.02
N ALA A 15 -18.90 6.73 -12.23
CA ALA A 15 -17.63 6.01 -12.27
C ALA A 15 -17.75 4.66 -11.56
N VAL A 16 -18.40 4.67 -10.40
CA VAL A 16 -18.44 3.50 -9.51
C VAL A 16 -19.49 2.46 -9.90
N GLN A 17 -20.72 2.90 -10.12
CA GLN A 17 -21.84 1.96 -10.25
C GLN A 17 -21.68 0.89 -11.36
N PRO A 18 -21.28 1.28 -12.58
CA PRO A 18 -21.12 0.23 -13.60
C PRO A 18 -20.01 -0.75 -13.27
N VAL A 19 -18.93 -0.25 -12.66
CA VAL A 19 -17.80 -1.13 -12.30
C VAL A 19 -18.19 -2.10 -11.17
N MET A 20 -18.96 -1.62 -10.18
CA MET A 20 -19.48 -2.52 -9.14
C MET A 20 -20.37 -3.60 -9.71
N LYS A 21 -21.26 -3.22 -10.62
CA LYS A 21 -22.17 -4.18 -11.23
C LYS A 21 -21.38 -5.21 -12.05
N ALA A 22 -20.45 -4.71 -12.86
CA ALA A 22 -19.68 -5.57 -13.77
C ALA A 22 -18.77 -6.57 -13.05
N ASN A 23 -18.31 -6.18 -11.87
CA ASN A 23 -17.42 -7.03 -11.10
C ASN A 23 -18.11 -7.68 -9.89
N ASP A 24 -19.43 -7.57 -9.84
CA ASP A 24 -20.27 -8.13 -8.77
C ASP A 24 -19.72 -7.80 -7.38
N ILE A 25 -19.35 -6.53 -7.19
CA ILE A 25 -18.77 -6.10 -5.93
C ILE A 25 -19.89 -5.85 -4.91
N PRO A 26 -19.89 -6.57 -3.78
CA PRO A 26 -21.01 -6.34 -2.84
C PRO A 26 -21.02 -4.96 -2.20
N GLY A 27 -19.85 -4.45 -1.80
CA GLY A 27 -19.75 -3.19 -1.09
C GLY A 27 -18.48 -2.44 -1.47
N LEU A 28 -18.60 -1.12 -1.57
CA LEU A 28 -17.48 -0.29 -2.01
C LEU A 28 -17.58 1.09 -1.37
N ALA A 29 -16.45 1.55 -0.84
CA ALA A 29 -16.35 2.88 -0.23
C ALA A 29 -15.36 3.74 -1.01
N VAL A 30 -15.78 4.96 -1.32
CA VAL A 30 -14.92 5.96 -1.94
C VAL A 30 -14.76 7.11 -0.96
N ALA A 31 -13.53 7.60 -0.86
CA ALA A 31 -13.26 8.83 -0.15
C ALA A 31 -12.36 9.70 -1.01
N ILE A 32 -12.72 10.98 -1.15
CA ILE A 32 -11.99 11.92 -2.00
C ILE A 32 -11.60 13.15 -1.18
N SER A 33 -10.34 13.55 -1.27
CA SER A 33 -9.89 14.81 -0.69
C SER A 33 -9.78 15.81 -1.82
N LEU A 34 -10.56 16.88 -1.72
CA LEU A 34 -10.67 17.88 -2.78
C LEU A 34 -10.73 19.26 -2.16
N LYS A 35 -9.85 20.16 -2.60
CA LYS A 35 -9.80 21.54 -2.12
C LYS A 35 -9.82 21.64 -0.59
N GLY A 36 -9.13 20.70 0.05
CA GLY A 36 -8.97 20.67 1.51
C GLY A 36 -10.15 20.13 2.31
N GLU A 37 -11.07 19.45 1.64
CA GLU A 37 -12.24 18.88 2.31
C GLU A 37 -12.41 17.40 1.93
N PRO A 38 -12.85 16.55 2.87
CA PRO A 38 -13.15 15.17 2.53
C PRO A 38 -14.57 14.98 2.00
N HIS A 39 -14.73 14.05 1.06
CA HIS A 39 -16.04 13.70 0.51
C HIS A 39 -16.15 12.20 0.49
N TYR A 40 -17.24 11.67 1.02
CA TYR A 40 -17.44 10.22 1.10
C TYR A 40 -18.64 9.76 0.29
N PHE A 41 -18.46 8.62 -0.37
CA PHE A 41 -19.52 7.97 -1.15
C PHE A 41 -19.46 6.49 -0.85
N SER A 42 -20.57 5.96 -0.32
CA SER A 42 -20.62 4.58 0.13
C SER A 42 -21.67 3.81 -0.62
N TYR A 43 -21.32 2.60 -1.02
CA TYR A 43 -22.16 1.79 -1.91
C TYR A 43 -22.31 0.38 -1.39
N GLY A 44 -23.53 -0.13 -1.44
CA GLY A 44 -23.78 -1.55 -1.19
C GLY A 44 -23.54 -2.03 0.22
N LEU A 45 -23.16 -3.31 0.31
CA LEU A 45 -23.19 -4.04 1.57
C LEU A 45 -21.82 -4.47 2.04
N ALA A 46 -21.56 -4.20 3.32
CA ALA A 46 -20.39 -4.73 4.00
C ALA A 46 -20.51 -6.25 4.21
N SER A 47 -21.74 -6.70 4.50
CA SER A 47 -22.04 -8.13 4.61
C SER A 47 -23.37 -8.41 3.92
N LYS A 48 -23.35 -9.29 2.92
CA LYS A 48 -24.58 -9.67 2.22
C LYS A 48 -25.53 -10.42 3.11
N GLU A 49 -24.97 -11.15 4.08
CA GLU A 49 -25.75 -12.07 4.90
C GLU A 49 -26.51 -11.36 6.02
N ASP A 50 -25.87 -10.38 6.67
CA ASP A 50 -26.53 -9.67 7.77
C ASP A 50 -27.04 -8.28 7.39
N GLY A 51 -26.76 -7.87 6.15
CA GLY A 51 -27.31 -6.62 5.60
C GLY A 51 -26.61 -5.34 6.05
N ARG A 52 -25.50 -5.46 6.75
CA ARG A 52 -24.72 -4.29 7.16
C ARG A 52 -24.29 -3.53 5.91
N ARG A 53 -24.60 -2.24 5.87
CA ARG A 53 -24.25 -1.39 4.74
C ARG A 53 -22.85 -0.84 4.91
N VAL A 54 -22.19 -0.58 3.78
CA VAL A 54 -20.91 0.13 3.76
C VAL A 54 -21.14 1.57 4.19
N THR A 55 -20.25 2.06 5.05
CA THR A 55 -20.19 3.47 5.44
C THR A 55 -18.73 3.91 5.37
N PRO A 56 -18.43 5.20 5.59
CA PRO A 56 -17.04 5.67 5.59
C PRO A 56 -16.22 5.12 6.76
N GLU A 57 -16.90 4.46 7.70
N GLU A 57 -16.89 4.45 7.70
CA GLU A 57 -16.27 3.85 8.87
CA GLU A 57 -16.23 3.83 8.86
C GLU A 57 -16.09 2.33 8.77
C GLU A 57 -16.08 2.31 8.77
N THR A 58 -16.66 1.71 7.73
CA THR A 58 -16.50 0.26 7.51
C THR A 58 -15.02 -0.06 7.34
N LEU A 59 -14.57 -1.11 8.01
CA LEU A 59 -13.18 -1.56 7.87
C LEU A 59 -13.04 -2.54 6.72
N PHE A 60 -12.09 -2.27 5.84
CA PHE A 60 -11.77 -3.14 4.71
C PHE A 60 -10.31 -3.59 4.86
N GLU A 61 -10.01 -4.79 4.36
CA GLU A 61 -8.61 -5.19 4.20
C GLU A 61 -8.04 -4.42 3.02
N ILE A 62 -6.87 -3.82 3.20
CA ILE A 62 -6.26 -3.07 2.09
C ILE A 62 -5.06 -3.79 1.45
N GLY A 63 -4.72 -4.98 1.95
CA GLY A 63 -3.65 -5.77 1.35
C GLY A 63 -2.38 -4.97 1.21
N SER A 64 -1.74 -5.04 0.03
CA SER A 64 -0.45 -4.37 -0.18
C SER A 64 -0.42 -2.85 -0.07
N VAL A 65 -1.59 -2.19 0.00
CA VAL A 65 -1.56 -0.76 0.34
C VAL A 65 -0.89 -0.60 1.72
N SER A 66 -0.90 -1.66 2.52
CA SER A 66 -0.20 -1.67 3.81
C SER A 66 1.28 -1.30 3.68
N LYS A 67 1.86 -1.61 2.52
CA LYS A 67 3.28 -1.31 2.28
C LYS A 67 3.60 0.18 2.37
N THR A 68 2.62 1.04 2.15
CA THR A 68 2.87 2.48 2.29
C THR A 68 2.98 2.87 3.78
N PHE A 69 2.25 2.16 4.64
CA PHE A 69 2.42 2.32 6.09
C PHE A 69 3.76 1.77 6.54
N THR A 70 4.12 0.59 6.03
CA THR A 70 5.43 0.00 6.31
C THR A 70 6.56 0.95 5.90
N ALA A 71 6.42 1.55 4.72
CA ALA A 71 7.39 2.52 4.23
C ALA A 71 7.50 3.75 5.13
N THR A 72 6.38 4.16 5.73
CA THR A 72 6.36 5.31 6.64
C THR A 72 7.15 5.00 7.93
N LEU A 73 6.96 3.79 8.46
N LEU A 73 6.95 3.80 8.45
CA LEU A 73 7.75 3.37 9.62
CA LEU A 73 7.72 3.33 9.61
C LEU A 73 9.23 3.34 9.28
C LEU A 73 9.22 3.29 9.29
N ALA A 74 9.58 2.79 8.12
CA ALA A 74 10.97 2.79 7.67
C ALA A 74 11.51 4.23 7.51
N GLY A 75 10.67 5.12 6.98
CA GLY A 75 11.03 6.53 6.84
C GLY A 75 11.37 7.14 8.19
N TYR A 76 10.63 6.75 9.21
CA TYR A 76 10.89 7.19 10.57
C TYR A 76 12.24 6.67 11.05
N ALA A 77 12.50 5.37 10.90
CA ALA A 77 13.80 4.82 11.28
C ALA A 77 14.95 5.53 10.56
N LEU A 78 14.76 5.83 9.28
CA LEU A 78 15.80 6.42 8.43
C LEU A 78 16.15 7.84 8.83
N THR A 79 15.13 8.65 9.05
CA THR A 79 15.33 10.07 9.31
C THR A 79 15.68 10.29 10.79
N GLN A 80 15.52 9.24 11.59
CA GLN A 80 16.02 9.16 12.97
C GLN A 80 17.43 8.56 13.10
N ASP A 81 18.09 8.26 11.98
CA ASP A 81 19.48 7.75 11.94
C ASP A 81 19.68 6.36 12.61
N LYS A 82 18.64 5.54 12.61
CA LYS A 82 18.71 4.18 13.14
C LYS A 82 19.10 3.18 12.04
N MET A 83 18.95 3.60 10.79
CA MET A 83 19.32 2.82 9.62
C MET A 83 19.56 3.78 8.46
N ARG A 84 20.28 3.29 7.45
CA ARG A 84 20.46 3.98 6.18
C ARG A 84 20.02 3.05 5.05
N LEU A 85 19.57 3.63 3.94
CA LEU A 85 19.12 2.84 2.81
C LEU A 85 20.24 1.99 2.20
N ASP A 86 21.48 2.44 2.34
CA ASP A 86 22.63 1.69 1.83
C ASP A 86 23.24 0.67 2.82
N ASP A 87 22.63 0.54 4.01
CA ASP A 87 23.01 -0.51 4.96
C ASP A 87 22.79 -1.87 4.31
N ARG A 88 23.69 -2.80 4.58
CA ARG A 88 23.44 -4.19 4.20
C ARG A 88 22.41 -4.76 5.14
N ALA A 89 21.52 -5.60 4.61
CA ALA A 89 20.41 -6.16 5.37
C ALA A 89 20.88 -6.85 6.64
N SER A 90 21.99 -7.58 6.55
CA SER A 90 22.48 -8.35 7.69
C SER A 90 23.03 -7.50 8.84
N GLN A 91 23.22 -6.19 8.62
CA GLN A 91 23.57 -5.27 9.71
C GLN A 91 22.51 -5.26 10.81
N HIS A 92 21.27 -5.60 10.45
CA HIS A 92 20.13 -5.39 11.34
C HIS A 92 19.50 -6.65 11.91
N TRP A 93 20.09 -7.80 11.56
CA TRP A 93 19.63 -9.09 12.06
C TRP A 93 20.79 -10.06 12.03
N PRO A 94 21.41 -10.35 13.19
CA PRO A 94 22.58 -11.23 13.25
C PRO A 94 22.35 -12.59 12.59
N ALA A 95 21.12 -13.09 12.66
CA ALA A 95 20.73 -14.34 12.02
C ALA A 95 21.06 -14.36 10.52
N LEU A 96 21.12 -13.19 9.89
CA LEU A 96 21.41 -13.08 8.46
C LEU A 96 22.90 -12.91 8.12
N GLN A 97 23.73 -12.69 9.14
CA GLN A 97 25.17 -12.61 8.89
C GLN A 97 25.71 -13.91 8.29
N GLY A 98 26.50 -13.78 7.23
CA GLY A 98 27.03 -14.95 6.53
C GLY A 98 26.14 -15.46 5.40
N SER A 99 24.92 -14.92 5.31
CA SER A 99 24.02 -15.25 4.20
C SER A 99 24.21 -14.28 3.04
N ARG A 100 23.42 -14.47 1.98
CA ARG A 100 23.50 -13.59 0.82
C ARG A 100 23.04 -12.17 1.14
N PHE A 101 22.38 -12.01 2.28
CA PHE A 101 21.94 -10.69 2.74
C PHE A 101 23.08 -9.79 3.25
N ASP A 102 24.29 -10.34 3.28
CA ASP A 102 25.49 -9.53 3.48
C ASP A 102 25.69 -8.61 2.29
N GLY A 103 25.16 -8.98 1.12
CA GLY A 103 25.40 -8.23 -0.12
C GLY A 103 24.17 -7.58 -0.73
N ILE A 104 23.15 -7.40 0.10
CA ILE A 104 21.86 -6.85 -0.33
C ILE A 104 21.53 -5.65 0.57
N SER A 105 21.22 -4.51 -0.03
CA SER A 105 20.93 -3.31 0.75
C SER A 105 19.48 -3.24 1.20
N LEU A 106 19.22 -2.39 2.19
CA LEU A 106 17.86 -2.10 2.60
C LEU A 106 17.04 -1.51 1.44
N LEU A 107 17.66 -0.65 0.64
CA LEU A 107 16.98 -0.10 -0.52
C LEU A 107 16.58 -1.20 -1.50
N ASP A 108 17.46 -2.18 -1.73
CA ASP A 108 17.13 -3.32 -2.58
C ASP A 108 15.86 -4.01 -2.09
N LEU A 109 15.80 -4.27 -0.79
CA LEU A 109 14.64 -4.92 -0.22
C LEU A 109 13.37 -4.09 -0.38
N ALA A 110 13.48 -2.80 -0.05
CA ALA A 110 12.33 -1.91 -0.09
C ALA A 110 11.73 -1.78 -1.49
N THR A 111 12.58 -1.84 -2.52
CA THR A 111 12.16 -1.55 -3.89
C THR A 111 12.22 -2.78 -4.79
N TYR A 112 12.29 -3.96 -4.18
CA TYR A 112 12.07 -5.24 -4.89
C TYR A 112 13.20 -5.60 -5.86
N THR A 113 14.41 -5.13 -5.58
CA THR A 113 15.55 -5.37 -6.45
C THR A 113 16.64 -6.21 -5.80
N ALA A 114 16.29 -6.99 -4.78
CA ALA A 114 17.25 -7.84 -4.07
C ALA A 114 17.80 -8.99 -4.93
N GLY A 115 17.10 -9.32 -6.01
CA GLY A 115 17.59 -10.31 -6.97
C GLY A 115 16.68 -11.51 -7.10
N GLY A 116 15.37 -11.28 -7.09
CA GLY A 116 14.42 -12.35 -7.39
C GLY A 116 13.70 -12.97 -6.22
N LEU A 117 13.65 -12.29 -5.08
CA LEU A 117 12.73 -12.71 -4.02
C LEU A 117 11.33 -12.79 -4.63
N PRO A 118 10.60 -13.89 -4.36
CA PRO A 118 9.35 -14.14 -5.10
C PRO A 118 8.18 -13.30 -4.62
N LEU A 119 7.09 -13.36 -5.36
CA LEU A 119 5.90 -12.59 -5.03
C LEU A 119 5.44 -12.81 -3.59
N GLN A 120 5.33 -14.07 -3.20
N GLN A 120 5.35 -14.08 -3.21
CA GLN A 120 4.93 -14.43 -1.84
CA GLN A 120 4.93 -14.49 -1.88
C GLN A 120 5.93 -15.40 -1.25
C GLN A 120 5.96 -15.39 -1.26
N PHE A 121 5.94 -15.50 0.07
CA PHE A 121 6.64 -16.58 0.74
C PHE A 121 6.07 -17.89 0.20
N PRO A 122 6.92 -18.91 0.02
CA PRO A 122 6.38 -20.22 -0.35
C PRO A 122 5.37 -20.70 0.70
N ASP A 123 4.43 -21.54 0.29
CA ASP A 123 3.41 -22.05 1.20
C ASP A 123 4.00 -22.80 2.38
N SER A 124 5.21 -23.33 2.20
CA SER A 124 5.94 -24.08 3.23
C SER A 124 6.46 -23.22 4.40
N VAL A 125 6.47 -21.90 4.21
CA VAL A 125 6.92 -20.99 5.27
C VAL A 125 5.72 -20.45 6.03
N GLN A 126 5.59 -20.88 7.28
CA GLN A 126 4.50 -20.47 8.14
C GLN A 126 4.81 -19.18 8.90
N LYS A 127 3.82 -18.62 9.59
CA LYS A 127 4.04 -17.43 10.40
C LYS A 127 4.80 -17.83 11.67
N ASP A 128 6.12 -17.86 11.55
CA ASP A 128 6.99 -18.42 12.57
C ASP A 128 8.36 -17.80 12.36
N GLN A 129 8.90 -17.17 13.40
CA GLN A 129 10.15 -16.41 13.30
C GLN A 129 11.32 -17.28 12.83
N ALA A 130 11.40 -18.51 13.36
CA ALA A 130 12.45 -19.45 12.98
C ALA A 130 12.35 -19.88 11.52
N GLN A 131 11.13 -20.13 11.05
CA GLN A 131 10.93 -20.51 9.66
C GLN A 131 11.28 -19.37 8.70
N ILE A 132 10.94 -18.15 9.10
CA ILE A 132 11.27 -16.94 8.33
C ILE A 132 12.79 -16.74 8.27
N ARG A 133 13.42 -16.83 9.44
CA ARG A 133 14.88 -16.82 9.59
C ARG A 133 15.52 -17.81 8.63
N ASP A 134 15.03 -19.05 8.66
CA ASP A 134 15.62 -20.11 7.87
C ASP A 134 15.41 -19.86 6.38
N TYR A 135 14.26 -19.31 6.03
CA TYR A 135 13.96 -19.00 4.63
C TYR A 135 14.98 -18.03 4.03
N TYR A 136 15.21 -16.92 4.72
CA TYR A 136 16.15 -15.92 4.21
C TYR A 136 17.59 -16.43 4.23
N ARG A 137 17.94 -17.18 5.26
CA ARG A 137 19.31 -17.72 5.36
C ARG A 137 19.67 -18.58 4.16
N GLN A 138 18.70 -19.31 3.63
CA GLN A 138 18.96 -20.24 2.54
C GLN A 138 18.73 -19.67 1.14
N TRP A 139 18.06 -18.52 1.05
CA TRP A 139 17.71 -17.95 -0.24
C TRP A 139 18.93 -17.42 -1.01
N GLN A 140 18.96 -17.66 -2.32
CA GLN A 140 20.04 -17.22 -3.20
C GLN A 140 19.46 -16.35 -4.32
N PRO A 141 20.07 -15.18 -4.61
CA PRO A 141 19.63 -14.38 -5.75
C PRO A 141 19.66 -15.10 -7.10
N THR A 142 18.67 -14.80 -7.93
CA THR A 142 18.61 -15.29 -9.29
C THR A 142 19.51 -14.46 -10.21
N TYR A 143 19.65 -13.17 -9.89
CA TYR A 143 20.47 -12.24 -10.66
C TYR A 143 20.99 -11.19 -9.67
N ALA A 144 21.91 -10.36 -10.14
CA ALA A 144 22.59 -9.42 -9.26
C ALA A 144 21.61 -8.49 -8.54
N PRO A 145 21.79 -8.35 -7.22
CA PRO A 145 21.06 -7.34 -6.48
C PRO A 145 21.22 -5.96 -7.14
N GLY A 146 20.13 -5.19 -7.18
CA GLY A 146 20.14 -3.85 -7.76
C GLY A 146 19.90 -3.75 -9.24
N SER A 147 19.60 -4.88 -9.91
CA SER A 147 19.49 -4.90 -11.37
C SER A 147 18.07 -5.08 -11.92
N GLN A 148 17.25 -5.90 -11.26
CA GLN A 148 15.90 -6.18 -11.76
C GLN A 148 14.87 -6.08 -10.66
N ARG A 149 13.73 -5.49 -11.01
CA ARG A 149 12.59 -5.39 -10.09
C ARG A 149 11.72 -6.63 -10.25
N LEU A 150 11.47 -7.31 -9.13
CA LEU A 150 10.44 -8.35 -9.09
C LEU A 150 9.61 -8.10 -7.86
N TYR A 151 8.38 -7.66 -8.09
CA TYR A 151 7.49 -7.29 -7.01
C TYR A 151 7.36 -8.43 -6.00
N SER A 152 7.53 -8.12 -4.71
CA SER A 152 7.73 -9.18 -3.73
C SER A 152 7.35 -8.81 -2.29
N ASN A 153 6.46 -9.60 -1.71
CA ASN A 153 6.13 -9.47 -0.29
C ASN A 153 7.32 -9.80 0.64
N PRO A 154 8.02 -10.94 0.42
CA PRO A 154 9.17 -11.18 1.31
C PRO A 154 10.25 -10.11 1.22
N SER A 155 10.34 -9.42 0.08
CA SER A 155 11.34 -8.36 -0.08
C SER A 155 11.03 -7.14 0.82
N ILE A 156 9.91 -6.49 0.58
CA ILE A 156 9.55 -5.32 1.38
C ILE A 156 9.15 -5.73 2.83
N GLY A 157 8.63 -6.94 3.01
CA GLY A 157 8.37 -7.48 4.35
C GLY A 157 9.64 -7.46 5.19
N LEU A 158 10.75 -7.96 4.63
CA LEU A 158 12.01 -7.96 5.36
C LEU A 158 12.47 -6.53 5.63
N PHE A 159 12.30 -5.64 4.66
CA PHE A 159 12.63 -4.23 4.86
C PHE A 159 11.92 -3.65 6.09
N GLY A 160 10.62 -3.89 6.21
CA GLY A 160 9.85 -3.42 7.37
C GLY A 160 10.29 -4.08 8.66
N TYR A 161 10.52 -5.38 8.61
CA TYR A 161 10.97 -6.13 9.80
C TYR A 161 12.31 -5.60 10.31
N LEU A 162 13.23 -5.31 9.38
CA LEU A 162 14.54 -4.81 9.74
C LEU A 162 14.46 -3.37 10.23
N ALA A 163 13.57 -2.56 9.64
CA ALA A 163 13.35 -1.21 10.16
C ALA A 163 12.89 -1.25 11.61
N ALA A 164 11.96 -2.16 11.93
CA ALA A 164 11.53 -2.39 13.31
C ALA A 164 12.70 -2.81 14.22
N ARG A 165 13.52 -3.75 13.76
CA ARG A 165 14.69 -4.17 14.54
C ARG A 165 15.63 -3.00 14.81
N SER A 166 15.79 -2.11 13.83
CA SER A 166 16.67 -0.95 13.98
C SER A 166 16.16 0.00 15.07
N LEU A 167 14.84 -0.01 15.28
CA LEU A 167 14.18 0.79 16.32
C LEU A 167 14.04 0.07 17.66
N GLY A 168 14.42 -1.21 17.68
CA GLY A 168 14.45 -2.00 18.90
C GLY A 168 13.11 -2.46 19.46
N GLN A 169 12.08 -2.51 18.61
CA GLN A 169 10.75 -2.93 19.04
C GLN A 169 10.08 -3.74 17.93
N PRO A 170 9.10 -4.60 18.28
CA PRO A 170 8.38 -5.35 17.23
C PRO A 170 7.64 -4.41 16.29
N PHE A 171 7.61 -4.81 15.02
CA PHE A 171 6.94 -4.04 13.98
C PHE A 171 5.50 -3.69 14.36
N GLU A 172 4.74 -4.70 14.79
CA GLU A 172 3.33 -4.55 15.09
C GLU A 172 3.10 -3.55 16.22
N ARG A 173 3.97 -3.60 17.22
CA ARG A 173 3.85 -2.70 18.36
C ARG A 173 4.16 -1.26 17.94
N LEU A 174 5.22 -1.07 17.14
CA LEU A 174 5.54 0.26 16.61
C LEU A 174 4.38 0.87 15.82
N MET A 175 3.73 0.05 15.00
CA MET A 175 2.58 0.54 14.23
C MET A 175 1.42 0.99 15.11
N GLU A 176 1.04 0.15 16.05
CA GLU A 176 -0.08 0.46 16.96
C GLU A 176 0.20 1.60 17.92
N GLN A 177 1.41 1.60 18.48
CA GLN A 177 1.71 2.51 19.58
C GLN A 177 2.28 3.83 19.11
N GLN A 178 2.92 3.84 17.94
CA GLN A 178 3.57 5.06 17.46
C GLN A 178 3.06 5.57 16.10
N VAL A 179 3.04 4.72 15.08
CA VAL A 179 2.74 5.20 13.73
C VAL A 179 1.29 5.63 13.56
N PHE A 180 0.35 4.74 13.88
CA PHE A 180 -1.06 5.08 13.73
C PHE A 180 -1.45 6.30 14.59
N PRO A 181 -1.02 6.36 15.86
CA PRO A 181 -1.33 7.57 16.64
C PRO A 181 -0.71 8.86 16.07
N ALA A 182 0.53 8.77 15.58
CA ALA A 182 1.20 9.95 14.99
C ALA A 182 0.42 10.49 13.79
N LEU A 183 -0.21 9.58 13.04
CA LEU A 183 -0.99 9.94 11.86
C LEU A 183 -2.45 10.29 12.15
N GLY A 184 -2.86 10.16 13.42
CA GLY A 184 -4.23 10.51 13.83
C GLY A 184 -5.25 9.46 13.43
N LEU A 185 -4.80 8.21 13.36
CA LEU A 185 -5.63 7.12 12.83
C LEU A 185 -6.14 6.22 13.94
N GLU A 186 -7.44 6.31 14.22
CA GLU A 186 -8.09 5.55 15.29
C GLU A 186 -9.00 4.44 14.76
N GLN A 187 -9.09 4.35 13.43
CA GLN A 187 -9.90 3.32 12.75
C GLN A 187 -9.00 2.49 11.84
N THR A 188 -7.75 2.31 12.26
CA THR A 188 -6.74 1.62 11.45
C THR A 188 -6.03 0.58 12.32
N HIS A 189 -6.04 -0.67 11.87
CA HIS A 189 -5.62 -1.78 12.74
C HIS A 189 -4.80 -2.82 12.00
N LEU A 190 -3.85 -3.44 12.70
CA LEU A 190 -3.26 -4.70 12.26
C LEU A 190 -4.07 -5.87 12.80
N ASP A 191 -4.63 -5.71 13.99
CA ASP A 191 -5.40 -6.74 14.67
C ASP A 191 -6.66 -6.04 15.17
N VAL A 192 -7.75 -6.23 14.44
CA VAL A 192 -8.99 -5.48 14.73
C VAL A 192 -9.49 -5.82 16.13
N PRO A 193 -9.68 -4.81 17.00
CA PRO A 193 -10.20 -5.12 18.34
C PRO A 193 -11.59 -5.75 18.27
N GLU A 194 -11.88 -6.60 19.24
CA GLU A 194 -13.20 -7.22 19.36
C GLU A 194 -14.33 -6.21 19.31
N ALA A 195 -14.15 -5.07 19.97
CA ALA A 195 -15.16 -4.02 20.06
C ALA A 195 -15.45 -3.35 18.71
N ALA A 196 -14.55 -3.57 17.75
CA ALA A 196 -14.63 -2.93 16.44
C ALA A 196 -15.05 -3.92 15.35
N LEU A 197 -15.23 -5.18 15.71
CA LEU A 197 -15.52 -6.23 14.72
C LEU A 197 -16.82 -5.98 13.95
N ALA A 198 -17.77 -5.29 14.56
CA ALA A 198 -19.03 -4.95 13.91
C ALA A 198 -18.81 -4.08 12.68
N GLN A 199 -17.65 -3.42 12.62
CA GLN A 199 -17.33 -2.55 11.47
C GLN A 199 -16.58 -3.28 10.37
N TYR A 200 -16.13 -4.50 10.63
CA TYR A 200 -15.24 -5.24 9.73
C TYR A 200 -16.08 -5.90 8.63
N ALA A 201 -15.93 -5.41 7.40
CA ALA A 201 -16.66 -5.99 6.26
C ALA A 201 -16.32 -7.46 6.07
N GLN A 202 -17.27 -8.18 5.48
CA GLN A 202 -16.99 -9.51 4.96
C GLN A 202 -16.30 -9.38 3.63
N GLY A 203 -15.34 -10.26 3.35
CA GLY A 203 -14.75 -10.37 2.01
C GLY A 203 -15.41 -11.48 1.22
N TYR A 204 -15.42 -11.36 -0.10
CA TYR A 204 -16.10 -12.32 -0.96
C TYR A 204 -15.23 -12.78 -2.10
N GLY A 205 -15.15 -14.10 -2.28
CA GLY A 205 -14.45 -14.68 -3.43
C GLY A 205 -15.35 -15.47 -4.36
N LYS A 206 -14.79 -16.54 -4.94
CA LYS A 206 -15.51 -17.42 -5.85
C LYS A 206 -16.72 -18.07 -5.18
N ASP A 207 -17.84 -18.08 -5.92
CA ASP A 207 -19.14 -18.55 -5.41
C ASP A 207 -19.56 -17.79 -4.15
N ASP A 208 -19.08 -16.55 -4.04
CA ASP A 208 -19.28 -15.70 -2.87
C ASP A 208 -18.91 -16.36 -1.53
N ARG A 209 -17.88 -17.20 -1.55
CA ARG A 209 -17.36 -17.75 -0.28
C ARG A 209 -16.80 -16.59 0.56
N PRO A 210 -17.03 -16.63 1.87
CA PRO A 210 -16.55 -15.56 2.74
C PRO A 210 -15.06 -15.69 2.99
N LEU A 211 -14.36 -14.57 2.89
CA LEU A 211 -12.90 -14.58 2.95
C LEU A 211 -12.35 -13.38 3.69
N ARG A 212 -11.87 -13.63 4.90
CA ARG A 212 -11.09 -12.65 5.64
C ARG A 212 -9.67 -13.16 5.76
N VAL A 213 -8.71 -12.25 5.86
CA VAL A 213 -7.31 -12.62 5.76
C VAL A 213 -6.81 -13.36 7.01
N GLY A 214 -6.09 -14.45 6.78
CA GLY A 214 -5.50 -15.24 7.85
C GLY A 214 -4.04 -14.93 8.09
N PRO A 215 -3.47 -15.48 9.17
CA PRO A 215 -2.06 -15.25 9.50
C PRO A 215 -1.11 -15.76 8.41
N GLY A 216 -0.03 -15.02 8.22
CA GLY A 216 1.04 -15.44 7.33
C GLY A 216 2.34 -14.78 7.71
N PRO A 217 3.47 -15.30 7.21
CA PRO A 217 4.78 -14.73 7.53
C PRO A 217 4.91 -13.27 7.05
N LEU A 218 5.35 -12.40 7.94
CA LEU A 218 5.48 -10.96 7.68
C LEU A 218 4.20 -10.37 7.09
N ASP A 219 3.06 -10.88 7.57
CA ASP A 219 1.76 -10.35 7.13
C ASP A 219 1.56 -8.88 7.51
N ALA A 220 2.00 -8.48 8.70
CA ALA A 220 1.82 -7.10 9.14
C ALA A 220 2.53 -6.14 8.19
N GLU A 221 3.76 -6.49 7.85
CA GLU A 221 4.60 -5.65 7.01
C GLU A 221 4.13 -5.56 5.55
N GLY A 222 3.61 -6.67 5.02
CA GLY A 222 3.25 -6.74 3.61
C GLY A 222 1.82 -6.41 3.29
N TYR A 223 0.90 -6.80 4.16
CA TYR A 223 -0.51 -6.75 3.81
C TYR A 223 -1.47 -6.74 5.00
N GLY A 224 -0.98 -6.28 6.16
CA GLY A 224 -1.69 -6.46 7.44
C GLY A 224 -2.81 -5.50 7.82
N VAL A 225 -2.91 -4.38 7.13
CA VAL A 225 -3.80 -3.30 7.59
C VAL A 225 -5.28 -3.47 7.21
N LYS A 226 -6.13 -3.27 8.21
CA LYS A 226 -7.57 -3.09 8.02
C LYS A 226 -7.89 -1.67 8.41
N THR A 227 -8.57 -0.94 7.54
CA THR A 227 -8.87 0.46 7.80
C THR A 227 -10.15 0.89 7.11
N SER A 228 -10.66 2.06 7.48
CA SER A 228 -11.85 2.62 6.84
C SER A 228 -11.47 3.56 5.73
N ALA A 229 -12.43 3.87 4.85
CA ALA A 229 -12.17 4.83 3.80
C ALA A 229 -11.82 6.19 4.40
N ALA A 230 -12.50 6.55 5.50
CA ALA A 230 -12.22 7.82 6.16
C ALA A 230 -10.79 7.88 6.72
N ASP A 231 -10.34 6.81 7.37
CA ASP A 231 -8.96 6.80 7.91
C ASP A 231 -7.93 6.75 6.80
N LEU A 232 -8.19 5.95 5.75
CA LEU A 232 -7.22 5.88 4.66
C LEU A 232 -7.09 7.23 3.96
N LEU A 233 -8.19 7.96 3.83
CA LEU A 233 -8.10 9.32 3.30
C LEU A 233 -7.33 10.26 4.23
N ARG A 234 -7.47 10.10 5.54
CA ARG A 234 -6.66 10.86 6.50
C ARG A 234 -5.17 10.61 6.22
N PHE A 235 -4.81 9.36 5.93
CA PHE A 235 -3.42 9.03 5.59
C PHE A 235 -3.01 9.68 4.27
N VAL A 236 -3.91 9.69 3.28
CA VAL A 236 -3.64 10.39 2.02
C VAL A 236 -3.42 11.87 2.28
N ASP A 237 -4.23 12.46 3.16
CA ASP A 237 -4.07 13.88 3.49
C ASP A 237 -2.75 14.19 4.20
N ALA A 238 -2.30 13.29 5.07
CA ALA A 238 -0.97 13.40 5.66
C ALA A 238 0.10 13.35 4.58
N ASN A 239 -0.09 12.50 3.56
CA ASN A 239 0.84 12.43 2.44
C ASN A 239 0.85 13.70 1.60
N LEU A 240 -0.34 14.31 1.44
CA LEU A 240 -0.47 15.55 0.68
C LEU A 240 0.12 16.73 1.43
N HIS A 241 0.13 16.65 2.76
CA HIS A 241 0.61 17.75 3.62
C HIS A 241 1.45 17.26 4.82
N PRO A 242 2.65 16.72 4.54
CA PRO A 242 3.46 16.20 5.65
C PRO A 242 3.80 17.28 6.68
N GLU A 243 3.87 18.53 6.22
CA GLU A 243 4.20 19.66 7.09
C GLU A 243 3.16 19.93 8.17
N ARG A 244 2.01 19.31 8.08
CA ARG A 244 0.97 19.47 9.10
C ARG A 244 1.21 18.55 10.31
N LEU A 245 2.18 17.63 10.18
CA LEU A 245 2.53 16.73 11.27
C LEU A 245 3.78 17.22 11.98
N ASP A 246 3.95 16.78 13.23
CA ASP A 246 5.16 17.02 14.00
C ASP A 246 6.38 16.61 13.15
N ARG A 247 7.47 17.35 13.28
CA ARG A 247 8.61 17.26 12.34
C ARG A 247 9.15 15.84 12.06
N PRO A 248 9.34 15.02 13.11
CA PRO A 248 9.84 13.65 12.88
C PRO A 248 8.95 12.84 11.95
N TRP A 249 7.63 13.02 12.06
CA TRP A 249 6.70 12.30 11.20
C TRP A 249 6.54 12.95 9.83
N ALA A 250 6.67 14.27 9.76
CA ALA A 250 6.73 14.95 8.46
C ALA A 250 7.88 14.38 7.62
N GLN A 251 9.05 14.21 8.24
CA GLN A 251 10.23 13.69 7.56
C GLN A 251 10.04 12.24 7.15
N ALA A 252 9.35 11.48 8.00
CA ALA A 252 9.05 10.07 7.71
C ALA A 252 8.19 9.95 6.45
N LEU A 253 7.17 10.79 6.34
CA LEU A 253 6.30 10.80 5.16
C LEU A 253 7.06 11.25 3.92
N ASP A 254 7.88 12.30 4.04
CA ASP A 254 8.69 12.79 2.92
C ASP A 254 9.58 11.68 2.34
N ALA A 255 10.07 10.80 3.22
CA ALA A 255 10.95 9.71 2.81
C ALA A 255 10.25 8.71 1.87
N THR A 256 8.91 8.69 1.91
CA THR A 256 8.14 7.83 0.99
C THR A 256 7.80 8.54 -0.32
N HIS A 257 8.31 9.76 -0.51
CA HIS A 257 8.07 10.54 -1.73
C HIS A 257 9.37 10.78 -2.49
N ARG A 258 10.20 9.74 -2.55
CA ARG A 258 11.51 9.79 -3.20
C ARG A 258 11.66 8.60 -4.14
N GLY A 259 11.93 8.88 -5.41
CA GLY A 259 12.02 7.82 -6.42
C GLY A 259 13.46 7.41 -6.66
N TYR A 260 13.67 6.11 -6.85
CA TYR A 260 15.01 5.57 -6.98
C TYR A 260 15.38 5.03 -8.36
N TYR A 261 14.37 4.60 -9.10
CA TYR A 261 14.57 4.07 -10.45
C TYR A 261 13.25 4.11 -11.21
N LYS A 262 13.31 3.92 -12.52
CA LYS A 262 12.12 3.79 -13.33
C LYS A 262 12.02 2.43 -13.98
N VAL A 263 10.78 1.93 -14.10
CA VAL A 263 10.47 0.81 -14.97
C VAL A 263 9.32 1.30 -15.85
N GLY A 264 9.58 1.44 -17.15
CA GLY A 264 8.59 2.01 -18.04
C GLY A 264 8.14 3.39 -17.57
N ASP A 265 6.84 3.56 -17.42
CA ASP A 265 6.26 4.84 -17.00
C ASP A 265 6.28 5.07 -15.49
N MET A 266 6.68 4.05 -14.73
CA MET A 266 6.57 4.09 -13.27
C MET A 266 7.90 4.41 -12.60
N THR A 267 7.87 5.32 -11.63
CA THR A 267 9.03 5.61 -10.79
C THR A 267 8.77 5.03 -9.39
N GLN A 268 9.71 4.21 -8.92
CA GLN A 268 9.53 3.45 -7.68
C GLN A 268 10.04 4.22 -6.46
N GLY A 269 9.14 4.47 -5.51
CA GLY A 269 9.52 5.03 -4.21
C GLY A 269 9.48 3.94 -3.14
N LEU A 270 9.52 4.36 -1.89
CA LEU A 270 9.28 3.45 -0.77
C LEU A 270 7.77 3.31 -0.60
N GLY A 271 7.25 2.15 -0.96
CA GLY A 271 5.81 1.93 -0.95
C GLY A 271 5.11 2.50 -2.17
N TRP A 272 5.12 3.82 -2.30
CA TRP A 272 4.42 4.49 -3.40
C TRP A 272 5.10 4.28 -4.75
N GLU A 273 4.27 4.19 -5.78
CA GLU A 273 4.71 4.12 -7.17
C GLU A 273 4.14 5.33 -7.89
N ALA A 274 4.98 5.99 -8.70
CA ALA A 274 4.62 7.29 -9.26
C ALA A 274 4.62 7.32 -10.78
N TYR A 275 3.72 8.14 -11.33
CA TYR A 275 3.60 8.38 -12.78
C TYR A 275 3.57 9.87 -13.05
N ASP A 276 4.04 10.27 -14.23
CA ASP A 276 3.77 11.63 -14.68
C ASP A 276 2.28 11.81 -14.84
N TRP A 277 1.81 13.03 -14.59
CA TRP A 277 0.39 13.34 -14.64
C TRP A 277 0.20 14.64 -15.42
N PRO A 278 -0.64 14.62 -16.46
CA PRO A 278 -1.48 13.51 -16.93
C PRO A 278 -0.70 12.42 -17.66
N ILE A 279 -1.31 11.24 -17.69
CA ILE A 279 -0.88 10.10 -18.49
C ILE A 279 -2.17 9.37 -18.89
N SER A 280 -2.14 8.58 -19.96
CA SER A 280 -3.34 7.87 -20.42
C SER A 280 -3.81 6.82 -19.41
N LEU A 281 -5.10 6.55 -19.43
CA LEU A 281 -5.63 5.46 -18.61
C LEU A 281 -4.93 4.14 -18.94
N LYS A 282 -4.75 3.84 -20.23
CA LYS A 282 -4.11 2.59 -20.61
C LYS A 282 -2.70 2.43 -20.03
N ARG A 283 -1.93 3.51 -19.99
CA ARG A 283 -0.59 3.46 -19.41
C ARG A 283 -0.63 3.26 -17.89
N LEU A 284 -1.57 3.92 -17.22
CA LEU A 284 -1.72 3.74 -15.78
C LEU A 284 -2.18 2.30 -15.46
N GLN A 285 -3.06 1.75 -16.28
CA GLN A 285 -3.47 0.35 -16.11
C GLN A 285 -2.30 -0.59 -16.34
N ALA A 286 -1.50 -0.34 -17.38
CA ALA A 286 -0.32 -1.19 -17.65
C ALA A 286 0.67 -1.20 -16.48
N GLY A 287 0.87 -0.04 -15.86
CA GLY A 287 1.78 0.03 -14.72
C GLY A 287 1.26 -0.73 -13.51
N ASN A 288 -0.04 -0.97 -13.46
CA ASN A 288 -0.69 -1.72 -12.39
C ASN A 288 -1.22 -3.09 -12.86
N SER A 289 -0.55 -3.66 -13.86
CA SER A 289 -1.04 -4.87 -14.50
C SER A 289 -0.37 -6.13 -13.95
N THR A 290 -0.94 -7.28 -14.29
CA THR A 290 -0.42 -8.56 -13.82
C THR A 290 1.05 -8.78 -14.23
N PRO A 291 1.39 -8.53 -15.52
CA PRO A 291 2.78 -8.73 -15.96
C PRO A 291 3.77 -7.80 -15.27
N MET A 292 3.33 -6.58 -14.94
CA MET A 292 4.17 -5.66 -14.20
C MET A 292 4.52 -6.24 -12.83
N ALA A 293 3.52 -6.82 -12.17
CA ALA A 293 3.67 -7.44 -10.86
C ALA A 293 4.44 -8.76 -10.88
N LEU A 294 4.20 -9.58 -11.91
CA LEU A 294 4.63 -10.98 -11.85
C LEU A 294 5.94 -11.33 -12.56
N GLN A 295 6.46 -10.40 -13.36
CA GLN A 295 7.67 -10.66 -14.15
C GLN A 295 8.80 -9.72 -13.75
N PRO A 296 10.06 -10.17 -13.87
CA PRO A 296 11.20 -9.29 -13.56
C PRO A 296 11.37 -8.23 -14.64
N HIS A 297 11.67 -7.00 -14.24
CA HIS A 297 11.91 -5.91 -15.18
C HIS A 297 13.24 -5.25 -14.88
N ARG A 298 14.08 -5.08 -15.90
CA ARG A 298 15.33 -4.35 -15.73
C ARG A 298 15.00 -2.90 -15.33
N ILE A 299 15.72 -2.39 -14.35
CA ILE A 299 15.48 -1.03 -13.86
C ILE A 299 16.36 -0.01 -14.59
N ALA A 300 15.86 1.23 -14.67
CA ALA A 300 16.68 2.37 -15.08
C ALA A 300 16.93 3.22 -13.83
N ARG A 301 18.11 3.04 -13.24
CA ARG A 301 18.43 3.72 -11.98
C ARG A 301 18.59 5.23 -12.21
N LEU A 302 18.10 6.01 -11.26
CA LEU A 302 18.24 7.46 -11.32
C LEU A 302 19.60 7.90 -10.76
N PRO A 303 20.19 8.97 -11.31
CA PRO A 303 21.49 9.48 -10.82
C PRO A 303 21.44 9.97 -9.37
N ALA A 304 20.25 10.36 -8.92
CA ALA A 304 20.02 10.77 -7.54
C ALA A 304 18.53 10.56 -7.25
N PRO A 305 18.16 10.44 -5.96
CA PRO A 305 16.75 10.31 -5.63
C PRO A 305 15.93 11.49 -6.19
N GLN A 306 14.76 11.17 -6.72
CA GLN A 306 13.90 12.17 -7.36
C GLN A 306 12.70 12.49 -6.47
N ALA A 307 12.40 13.76 -6.30
CA ALA A 307 11.21 14.15 -5.53
C ALA A 307 9.92 13.74 -6.25
N LEU A 308 9.10 12.96 -5.56
CA LEU A 308 7.82 12.51 -6.10
C LEU A 308 6.71 13.48 -5.66
N GLU A 309 6.60 14.57 -6.40
CA GLU A 309 5.71 15.68 -6.05
C GLU A 309 5.30 16.41 -7.33
N GLY A 310 4.54 17.48 -7.19
CA GLY A 310 4.14 18.28 -8.35
C GLY A 310 3.20 17.52 -9.28
N GLN A 311 3.51 17.51 -10.57
CA GLN A 311 2.61 16.97 -11.60
C GLN A 311 2.82 15.48 -11.77
N ARG A 312 2.44 14.76 -10.72
CA ARG A 312 2.61 13.31 -10.64
C ARG A 312 1.40 12.70 -9.97
N LEU A 313 1.15 11.44 -10.29
CA LEU A 313 0.18 10.64 -9.59
C LEU A 313 0.94 9.55 -8.83
N LEU A 314 0.74 9.50 -7.52
CA LEU A 314 1.30 8.43 -6.70
C LEU A 314 0.18 7.47 -6.36
N ASN A 315 0.47 6.18 -6.44
CA ASN A 315 -0.57 5.19 -6.21
C ASN A 315 -0.06 3.91 -5.58
N LYS A 316 -1.00 3.10 -5.09
CA LYS A 316 -0.71 1.72 -4.71
C LYS A 316 -1.98 0.89 -4.79
N THR A 317 -1.86 -0.28 -5.41
CA THR A 317 -2.88 -1.32 -5.37
C THR A 317 -2.63 -2.30 -4.22
N GLY A 318 -3.69 -2.94 -3.74
CA GLY A 318 -3.49 -4.01 -2.77
C GLY A 318 -4.72 -4.89 -2.76
N SER A 319 -4.49 -6.18 -2.53
CA SER A 319 -5.55 -7.17 -2.51
C SER A 319 -5.32 -8.20 -1.43
N THR A 320 -6.42 -8.76 -0.96
CA THR A 320 -6.35 -10.01 -0.22
C THR A 320 -7.29 -10.97 -0.95
N ASN A 321 -7.50 -12.17 -0.43
CA ASN A 321 -8.37 -13.10 -1.14
C ASN A 321 -9.78 -12.56 -1.33
N GLY A 322 -10.24 -11.75 -0.36
CA GLY A 322 -11.62 -11.25 -0.39
C GLY A 322 -11.81 -9.77 -0.63
N PHE A 323 -10.73 -9.02 -0.84
CA PHE A 323 -10.80 -7.56 -0.88
C PHE A 323 -9.90 -6.97 -1.96
N GLY A 324 -10.27 -5.79 -2.43
CA GLY A 324 -9.46 -5.05 -3.40
C GLY A 324 -9.48 -3.57 -3.16
N ALA A 325 -8.29 -3.00 -2.97
CA ALA A 325 -8.09 -1.60 -2.60
C ALA A 325 -7.23 -0.88 -3.63
N TYR A 326 -7.47 0.42 -3.73
CA TYR A 326 -6.63 1.28 -4.56
C TYR A 326 -6.59 2.68 -3.96
N VAL A 327 -5.40 3.27 -3.96
CA VAL A 327 -5.23 4.64 -3.48
C VAL A 327 -4.39 5.41 -4.50
N ALA A 328 -4.82 6.64 -4.79
CA ALA A 328 -4.10 7.51 -5.72
C ALA A 328 -4.17 8.95 -5.25
N PHE A 329 -3.08 9.69 -5.40
CA PHE A 329 -3.10 11.13 -5.08
C PHE A 329 -2.16 11.91 -5.99
N VAL A 330 -2.49 13.18 -6.16
CA VAL A 330 -1.73 14.09 -7.02
C VAL A 330 -1.18 15.21 -6.14
N PRO A 331 0.10 15.10 -5.73
CA PRO A 331 0.65 16.09 -4.79
C PRO A 331 0.44 17.54 -5.22
N GLY A 332 0.69 17.85 -6.49
CA GLY A 332 0.65 19.24 -6.95
C GLY A 332 -0.75 19.81 -7.11
N ARG A 333 -1.76 18.96 -6.94
CA ARG A 333 -3.15 19.41 -7.05
C ARG A 333 -3.93 19.29 -5.74
N ASP A 334 -3.26 18.86 -4.66
CA ASP A 334 -3.89 18.68 -3.35
C ASP A 334 -5.17 17.84 -3.51
N LEU A 335 -5.02 16.70 -4.18
CA LEU A 335 -6.14 15.86 -4.58
C LEU A 335 -5.80 14.42 -4.25
N GLY A 336 -6.72 13.71 -3.62
CA GLY A 336 -6.48 12.30 -3.32
C GLY A 336 -7.75 11.49 -3.32
N LEU A 337 -7.61 10.19 -3.55
CA LEU A 337 -8.76 9.31 -3.48
C LEU A 337 -8.41 7.91 -3.04
N VAL A 338 -9.41 7.30 -2.42
CA VAL A 338 -9.35 5.95 -1.87
C VAL A 338 -10.56 5.19 -2.39
N ILE A 339 -10.35 3.97 -2.87
CA ILE A 339 -11.42 3.10 -3.34
C ILE A 339 -11.23 1.73 -2.68
N LEU A 340 -12.14 1.37 -1.76
CA LEU A 340 -12.02 0.11 -1.03
C LEU A 340 -13.21 -0.78 -1.33
N ALA A 341 -12.95 -2.04 -1.68
CA ALA A 341 -14.02 -2.99 -2.01
C ALA A 341 -13.85 -4.31 -1.32
N ASN A 342 -14.96 -5.00 -1.09
CA ASN A 342 -14.92 -6.34 -0.51
C ASN A 342 -15.09 -7.47 -1.54
N ARG A 343 -14.47 -7.24 -2.71
CA ARG A 343 -14.11 -8.31 -3.63
C ARG A 343 -12.76 -7.96 -4.22
N ASN A 344 -11.93 -8.98 -4.43
CA ASN A 344 -10.70 -8.83 -5.20
C ASN A 344 -11.05 -8.80 -6.69
N TYR A 345 -11.22 -7.60 -7.23
CA TYR A 345 -11.58 -7.42 -8.63
C TYR A 345 -10.36 -6.84 -9.36
N PRO A 346 -10.28 -6.98 -10.70
CA PRO A 346 -9.03 -6.64 -11.38
C PRO A 346 -8.51 -5.22 -11.14
N ASN A 347 -7.19 -5.11 -11.00
CA ASN A 347 -6.57 -3.80 -10.80
C ASN A 347 -7.01 -2.78 -11.85
N ALA A 348 -7.13 -3.23 -13.10
CA ALA A 348 -7.48 -2.33 -14.20
C ALA A 348 -8.81 -1.64 -13.97
N GLU A 349 -9.74 -2.34 -13.33
CA GLU A 349 -11.07 -1.82 -13.03
C GLU A 349 -11.01 -0.78 -11.92
N ARG A 350 -10.11 -0.99 -10.94
CA ARG A 350 -9.93 -0.01 -9.86
C ARG A 350 -9.41 1.29 -10.43
N VAL A 351 -8.41 1.15 -11.29
CA VAL A 351 -7.78 2.29 -11.93
C VAL A 351 -8.79 3.02 -12.82
N LYS A 352 -9.63 2.25 -13.51
CA LYS A 352 -10.70 2.81 -14.35
C LYS A 352 -11.65 3.73 -13.54
N ILE A 353 -12.07 3.30 -12.35
CA ILE A 353 -12.91 4.13 -11.49
C ILE A 353 -12.15 5.41 -11.12
N ALA A 354 -10.92 5.25 -10.64
CA ALA A 354 -10.11 6.40 -10.20
C ALA A 354 -9.91 7.40 -11.32
N TYR A 355 -9.61 6.89 -12.50
CA TYR A 355 -9.31 7.75 -13.64
C TYR A 355 -10.54 8.55 -14.05
N ALA A 356 -11.71 7.90 -14.01
CA ALA A 356 -12.97 8.57 -14.36
C ALA A 356 -13.27 9.71 -13.39
N ILE A 357 -13.01 9.49 -12.10
CA ILE A 357 -13.20 10.52 -11.08
C ILE A 357 -12.21 11.67 -11.30
N LEU A 358 -10.93 11.34 -11.45
CA LEU A 358 -9.91 12.37 -11.67
C LEU A 358 -10.17 13.18 -12.95
N SER A 359 -10.55 12.50 -14.02
CA SER A 359 -10.86 13.15 -15.30
C SER A 359 -12.04 14.11 -15.18
N GLY A 360 -13.06 13.69 -14.44
CA GLY A 360 -14.25 14.49 -14.23
C GLY A 360 -14.01 15.71 -13.37
N LEU A 361 -13.10 15.59 -12.42
CA LEU A 361 -12.71 16.72 -11.56
C LEU A 361 -11.91 17.75 -12.32
N GLU A 362 -11.16 17.28 -13.33
CA GLU A 362 -10.43 18.19 -14.23
C GLU A 362 -11.39 18.88 -15.19
N GLN A 363 -12.38 18.14 -15.68
CA GLN A 363 -13.42 18.70 -16.56
C GLN A 363 -14.41 19.54 -15.75
S1 ZX0 B . -0.41 -5.87 -6.08
O2 ZX0 B . -1.86 -5.88 -6.24
O3 ZX0 B . 0.31 -6.72 -7.01
O4 ZX0 B . 0.10 -4.51 -6.00
N5 ZX0 B . -0.13 -6.52 -4.52
C6 ZX0 B . -0.14 -7.99 -4.38
C7 ZX0 B . -1.49 -8.61 -4.68
C8 ZX0 B . -1.65 -9.74 -3.67
N9 ZX0 B . -0.73 -9.40 -2.62
C10 ZX0 B . 0.07 -8.25 -2.92
C11 ZX0 B . -0.57 -7.09 -2.22
O12 ZX0 B . -1.75 -6.81 -2.05
C13 ZX0 B . -0.69 -9.93 -1.34
O14 ZX0 B . -0.12 -9.35 -0.43
N15 ZX0 B . -1.31 -11.14 -1.23
C16 ZX0 B . -1.54 -11.72 0.06
C17 ZX0 B . -3.03 -11.80 0.27
C18 ZX0 B . -3.36 -12.37 1.63
C19 ZX0 B . -3.57 -13.87 1.54
N20 ZX0 B . -2.29 -14.59 1.29
C21 ZX0 B . -1.05 -13.80 1.42
C22 ZX0 B . -0.84 -13.07 0.11
CL CL C . 3.72 -13.45 1.38
#